data_4XPL
#
_entry.id   4XPL
#
_cell.length_a   42.421
_cell.length_b   110.495
_cell.length_c   40.785
_cell.angle_alpha   90.000
_cell.angle_beta   90.000
_cell.angle_gamma   90.000
#
_symmetry.space_group_name_H-M   'P 21 21 2'
#
loop_
_entity.id
_entity.type
_entity.pdbx_description
1 polymer 'N-Acetyltransferase, PseH'
2 non-polymer 'ACETYL COENZYME *A'
3 water water
#
_entity_poly.entity_id   1
_entity_poly.type   'polypeptide(L)'
_entity_poly.pdbx_seq_one_letter_code
;GSAKDPLIKLKNFTELNSQEIELIFKWRNHPDINQFMKTKYIDFEEHLRFLKKLHQDSSKKYFLVFQDEQIIGVIDFVNI
TTKSCEFGLYAKPNLKGVGQILMNEIIKYAFESLKVNTLKAYVFKSNHKALKLYQQNHFTIYDEDKDFYYVYLKQSNCKA
LPS
;
_entity_poly.pdbx_strand_id   A
#
# COMPACT_ATOMS: atom_id res chain seq x y z
N LEU A 7 10.71 -7.76 -13.72
CA LEU A 7 10.71 -6.28 -13.96
C LEU A 7 10.20 -5.50 -12.74
N ILE A 8 9.01 -5.84 -12.24
CA ILE A 8 8.49 -5.20 -11.00
C ILE A 8 8.77 -6.14 -9.83
N LYS A 9 9.37 -5.61 -8.79
CA LYS A 9 9.77 -6.39 -7.63
C LYS A 9 9.32 -5.69 -6.34
N LEU A 10 9.01 -6.50 -5.32
CA LEU A 10 8.57 -6.02 -4.02
C LEU A 10 9.64 -6.18 -2.94
N LYS A 11 10.01 -5.09 -2.30
CA LYS A 11 10.91 -5.19 -1.15
C LYS A 11 10.12 -4.96 0.13
N ASN A 12 10.04 -5.99 0.96
CA ASN A 12 9.39 -5.88 2.26
C ASN A 12 10.05 -4.80 3.13
N PHE A 13 9.22 -3.95 3.72
CA PHE A 13 9.69 -2.98 4.71
C PHE A 13 10.56 -3.58 5.82
N THR A 14 10.36 -4.87 6.15
CA THR A 14 11.20 -5.53 7.16
C THR A 14 12.68 -5.64 6.73
N GLU A 15 12.94 -5.49 5.44
CA GLU A 15 14.31 -5.47 4.90
C GLU A 15 14.84 -4.11 4.46
N LEU A 16 14.11 -3.02 4.72
CA LEU A 16 14.59 -1.68 4.31
C LEU A 16 15.94 -1.35 4.94
N ASN A 17 16.77 -0.68 4.15
CA ASN A 17 18.00 -0.10 4.66
C ASN A 17 17.79 1.36 5.09
N SER A 18 18.83 1.95 5.70
CA SER A 18 18.70 3.29 6.25
C SER A 18 18.46 4.34 5.18
N GLN A 19 19.04 4.16 3.99
CA GLN A 19 18.83 5.08 2.87
C GLN A 19 17.35 5.08 2.44
N GLU A 20 16.78 3.88 2.32
CA GLU A 20 15.41 3.75 1.90
C GLU A 20 14.47 4.31 2.95
N ILE A 21 14.76 4.05 4.22
CA ILE A 21 13.93 4.54 5.32
C ILE A 21 13.96 6.08 5.28
N GLU A 22 15.16 6.63 5.21
CA GLU A 22 15.37 8.08 5.07
C GLU A 22 14.49 8.64 3.92
N LEU A 23 14.67 8.06 2.73
CA LEU A 23 13.98 8.50 1.52
C LEU A 23 12.46 8.49 1.64
N ILE A 24 11.88 7.33 1.95
CA ILE A 24 10.44 7.17 1.76
C ILE A 24 9.60 7.90 2.80
N PHE A 25 10.11 8.05 4.02
CA PHE A 25 9.31 8.71 5.07
C PHE A 25 9.25 10.22 4.87
N LYS A 26 10.13 10.74 4.02
CA LYS A 26 10.10 12.14 3.57
C LYS A 26 9.08 12.45 2.48
N TRP A 27 8.51 11.45 1.82
CA TRP A 27 7.55 11.71 0.75
C TRP A 27 6.40 12.56 1.27
N ARG A 28 6.06 13.60 0.50
CA ARG A 28 4.96 14.52 0.81
C ARG A 28 4.32 15.05 -0.47
N LYS A 38 18.03 16.84 6.86
CA LYS A 38 18.33 16.71 8.28
C LYS A 38 17.10 16.11 8.98
N THR A 39 17.07 14.79 9.06
CA THR A 39 16.00 14.07 9.75
C THR A 39 16.23 14.19 11.25
N LYS A 40 15.18 14.54 11.98
CA LYS A 40 15.26 14.69 13.43
C LYS A 40 15.30 13.30 14.04
N TYR A 41 15.97 13.17 15.17
CA TYR A 41 16.08 11.88 15.81
C TYR A 41 14.69 11.33 16.13
N ILE A 42 13.77 12.17 16.63
CA ILE A 42 12.47 11.63 17.04
C ILE A 42 11.73 11.01 15.81
N ASP A 43 11.84 11.62 14.64
CA ASP A 43 11.17 11.06 13.44
C ASP A 43 11.81 9.71 13.04
N PHE A 44 13.13 9.69 12.98
CA PHE A 44 13.87 8.46 12.72
C PHE A 44 13.50 7.35 13.68
N GLU A 45 13.48 7.68 14.97
CA GLU A 45 13.15 6.73 16.00
C GLU A 45 11.71 6.23 15.87
N GLU A 46 10.78 7.11 15.51
CA GLU A 46 9.37 6.72 15.31
C GLU A 46 9.20 5.80 14.07
N HIS A 47 9.98 6.06 13.03
CA HIS A 47 9.99 5.21 11.84
C HIS A 47 10.52 3.81 12.19
N LEU A 48 11.62 3.74 12.96
CA LEU A 48 12.19 2.46 13.40
C LEU A 48 11.21 1.66 14.26
N ARG A 49 10.48 2.33 15.15
CA ARG A 49 9.51 1.66 15.99
C ARG A 49 8.37 1.06 15.13
N PHE A 50 7.92 1.79 14.12
CA PHE A 50 6.96 1.29 13.12
C PHE A 50 7.50 0.04 12.40
N LEU A 51 8.74 0.13 11.91
CA LEU A 51 9.36 -1.03 11.24
C LEU A 51 9.51 -2.23 12.19
N LYS A 52 9.88 -1.98 13.44
CA LYS A 52 9.90 -3.03 14.46
C LYS A 52 8.52 -3.68 14.64
N LYS A 53 7.46 -2.88 14.66
CA LYS A 53 6.11 -3.46 14.76
C LYS A 53 5.79 -4.36 13.56
N LEU A 54 6.19 -3.93 12.36
CA LEU A 54 6.04 -4.76 11.16
C LEU A 54 6.74 -6.13 11.26
N HIS A 55 7.88 -6.19 11.96
CA HIS A 55 8.57 -7.48 12.16
C HIS A 55 7.70 -8.39 13.06
N GLN A 56 6.92 -7.78 13.96
CA GLN A 56 6.13 -8.51 14.98
C GLN A 56 4.67 -8.75 14.58
N ASP A 57 4.15 -8.07 13.57
CA ASP A 57 2.71 -8.11 13.24
C ASP A 57 2.46 -8.73 11.89
N SER A 58 2.04 -9.99 11.87
CA SER A 58 1.78 -10.69 10.61
C SER A 58 0.49 -10.24 9.89
N SER A 59 -0.35 -9.45 10.56
CA SER A 59 -1.54 -8.86 9.96
C SER A 59 -1.29 -7.57 9.14
N LYS A 60 -0.04 -7.12 9.03
CA LYS A 60 0.30 -5.97 8.19
C LYS A 60 1.54 -6.31 7.38
N LYS A 61 1.59 -5.83 6.13
CA LYS A 61 2.76 -5.99 5.27
C LYS A 61 2.85 -4.74 4.40
N TYR A 62 4.02 -4.10 4.42
CA TYR A 62 4.32 -2.97 3.56
C TYR A 62 5.47 -3.35 2.64
N PHE A 63 5.37 -2.91 1.38
CA PHE A 63 6.37 -3.14 0.39
C PHE A 63 6.79 -1.86 -0.31
N LEU A 64 8.09 -1.74 -0.53
CA LEU A 64 8.63 -0.75 -1.45
C LEU A 64 8.62 -1.42 -2.83
N VAL A 65 8.06 -0.75 -3.81
CA VAL A 65 7.92 -1.32 -5.15
C VAL A 65 8.97 -0.75 -6.11
N PHE A 66 9.67 -1.65 -6.80
CA PHE A 66 10.68 -1.30 -7.74
C PHE A 66 10.25 -1.69 -9.17
N GLN A 67 10.63 -0.84 -10.11
CA GLN A 67 10.49 -1.13 -11.53
C GLN A 67 11.89 -0.98 -12.09
N ASP A 68 12.48 -2.10 -12.50
CA ASP A 68 13.82 -2.15 -13.06
C ASP A 68 14.83 -1.43 -12.16
N GLU A 69 14.79 -1.72 -10.86
CA GLU A 69 15.76 -1.16 -9.89
C GLU A 69 15.52 0.33 -9.51
N GLN A 70 14.44 0.93 -10.04
CA GLN A 70 13.99 2.25 -9.61
C GLN A 70 12.79 2.12 -8.67
N ILE A 71 12.79 2.86 -7.54
CA ILE A 71 11.61 2.91 -6.67
C ILE A 71 10.46 3.65 -7.36
N ILE A 72 9.24 3.06 -7.38
CA ILE A 72 8.09 3.75 -7.93
C ILE A 72 6.94 4.02 -6.96
N GLY A 73 6.97 3.38 -5.79
CA GLY A 73 5.95 3.67 -4.78
C GLY A 73 6.00 2.65 -3.66
N VAL A 74 4.99 2.75 -2.81
CA VAL A 74 4.81 1.84 -1.69
C VAL A 74 3.40 1.26 -1.76
N ILE A 75 3.28 -0.01 -1.41
CA ILE A 75 1.97 -0.60 -1.21
C ILE A 75 1.88 -1.26 0.15
N ASP A 76 0.65 -1.42 0.65
CA ASP A 76 0.47 -2.01 1.93
C ASP A 76 -0.82 -2.78 2.02
N PHE A 77 -0.75 -3.76 2.92
CA PHE A 77 -1.87 -4.63 3.24
C PHE A 77 -1.99 -4.66 4.76
N VAL A 78 -3.16 -4.31 5.28
CA VAL A 78 -3.39 -4.28 6.70
C VAL A 78 -4.70 -5.00 7.00
N ASN A 79 -4.86 -5.37 8.27
CA ASN A 79 -5.99 -6.18 8.73
C ASN A 79 -6.09 -7.46 7.93
N ILE A 80 -4.94 -8.08 7.68
CA ILE A 80 -4.91 -9.29 6.90
C ILE A 80 -5.51 -10.44 7.70
N THR A 81 -6.47 -11.12 7.09
CA THR A 81 -6.98 -12.37 7.58
C THR A 81 -6.82 -13.45 6.50
N THR A 82 -7.31 -14.67 6.77
CA THR A 82 -7.30 -15.72 5.73
C THR A 82 -8.27 -15.42 4.56
N LYS A 83 -9.25 -14.54 4.77
CA LYS A 83 -10.29 -14.25 3.78
C LYS A 83 -10.27 -12.85 3.15
N SER A 84 -9.72 -11.87 3.86
CA SER A 84 -9.68 -10.49 3.38
C SER A 84 -8.48 -9.70 3.85
N CYS A 85 -8.29 -8.54 3.22
CA CYS A 85 -7.38 -7.53 3.71
C CYS A 85 -7.79 -6.13 3.26
N GLU A 86 -7.26 -5.13 3.92
CA GLU A 86 -7.36 -3.74 3.47
C GLU A 86 -6.04 -3.42 2.83
N PHE A 87 -6.04 -2.45 1.95
CA PHE A 87 -4.83 -2.05 1.28
C PHE A 87 -4.74 -0.56 1.13
N GLY A 88 -3.51 -0.14 0.86
CA GLY A 88 -3.18 1.25 0.57
C GLY A 88 -2.02 1.30 -0.43
N LEU A 89 -1.86 2.46 -1.04
CA LEU A 89 -0.79 2.66 -2.04
C LEU A 89 -0.39 4.12 -2.04
N TYR A 90 0.85 4.36 -2.42
CA TYR A 90 1.40 5.69 -2.46
C TYR A 90 2.45 5.76 -3.56
N ALA A 91 2.22 6.62 -4.57
CA ALA A 91 3.21 6.77 -5.64
C ALA A 91 4.38 7.62 -5.13
N LYS A 92 5.59 7.30 -5.59
CA LYS A 92 6.73 8.17 -5.36
C LYS A 92 6.27 9.54 -5.88
N PRO A 93 6.49 10.62 -5.10
CA PRO A 93 5.81 11.88 -5.46
C PRO A 93 6.24 12.55 -6.77
N ASN A 94 7.44 12.29 -7.27
CA ASN A 94 7.84 12.89 -8.57
C ASN A 94 7.32 12.13 -9.80
N LEU A 95 6.65 11.01 -9.61
CA LEU A 95 6.21 10.14 -10.72
C LEU A 95 4.71 10.18 -10.94
N LYS A 96 4.30 9.99 -12.17
CA LYS A 96 2.89 10.05 -12.56
C LYS A 96 2.63 8.80 -13.37
N GLY A 97 1.42 8.29 -13.28
CA GLY A 97 1.00 7.17 -14.10
C GLY A 97 1.48 5.84 -13.54
N VAL A 98 1.87 5.77 -12.28
CA VAL A 98 2.36 4.51 -11.70
C VAL A 98 1.29 3.83 -10.83
N GLY A 99 0.18 4.51 -10.59
CA GLY A 99 -0.93 3.92 -9.82
C GLY A 99 -1.42 2.58 -10.30
N GLN A 100 -1.57 2.43 -11.61
CA GLN A 100 -2.02 1.17 -12.20
C GLN A 100 -1.03 0.03 -11.94
N ILE A 101 0.26 0.32 -12.02
CA ILE A 101 1.29 -0.66 -11.70
C ILE A 101 1.18 -1.11 -10.27
N LEU A 102 1.06 -0.15 -9.36
CA LEU A 102 0.88 -0.45 -7.95
C LEU A 102 -0.38 -1.26 -7.69
N MET A 103 -1.46 -0.92 -8.38
CA MET A 103 -2.74 -1.64 -8.28
C MET A 103 -2.61 -3.08 -8.81
N ASN A 104 -1.93 -3.26 -9.94
CA ASN A 104 -1.65 -4.62 -10.42
C ASN A 104 -0.94 -5.44 -9.36
N GLU A 105 0.11 -4.87 -8.76
CA GLU A 105 0.86 -5.56 -7.72
C GLU A 105 0.03 -5.88 -6.48
N ILE A 106 -0.80 -4.94 -6.06
CA ILE A 106 -1.67 -5.13 -4.90
C ILE A 106 -2.60 -6.31 -5.13
N ILE A 107 -3.27 -6.33 -6.28
CA ILE A 107 -4.26 -7.37 -6.56
C ILE A 107 -3.60 -8.73 -6.74
N LYS A 108 -2.50 -8.77 -7.50
CA LYS A 108 -1.75 -10.00 -7.65
C LYS A 108 -1.30 -10.56 -6.30
N TYR A 109 -0.65 -9.71 -5.50
CA TYR A 109 -0.13 -10.17 -4.21
C TYR A 109 -1.26 -10.63 -3.29
N ALA A 110 -2.32 -9.87 -3.20
CA ALA A 110 -3.47 -10.28 -2.37
C ALA A 110 -4.09 -11.60 -2.81
N PHE A 111 -4.34 -11.74 -4.11
CA PHE A 111 -5.00 -12.94 -4.61
C PHE A 111 -4.06 -14.16 -4.69
N GLU A 112 -2.81 -13.96 -5.09
CA GLU A 112 -1.90 -15.06 -5.33
C GLU A 112 -1.01 -15.44 -4.14
N SER A 113 -0.58 -14.46 -3.36
CA SER A 113 0.33 -14.69 -2.24
C SER A 113 -0.41 -14.75 -0.90
N LEU A 114 -1.20 -13.75 -0.57
CA LEU A 114 -2.05 -13.84 0.66
C LEU A 114 -3.24 -14.79 0.46
N LYS A 115 -3.67 -14.98 -0.78
CA LYS A 115 -4.78 -15.86 -1.11
C LYS A 115 -6.10 -15.47 -0.44
N VAL A 116 -6.33 -14.16 -0.30
CA VAL A 116 -7.63 -13.66 0.22
C VAL A 116 -8.67 -13.65 -0.90
N ASN A 117 -9.93 -13.78 -0.56
CA ASN A 117 -10.98 -13.64 -1.57
C ASN A 117 -11.46 -12.21 -1.75
N THR A 118 -11.35 -11.39 -0.71
CA THR A 118 -11.85 -10.00 -0.75
C THR A 118 -10.74 -8.97 -0.41
N LEU A 119 -10.57 -8.01 -1.32
CA LEU A 119 -9.71 -6.85 -1.15
C LEU A 119 -10.56 -5.65 -0.86
N LYS A 120 -10.25 -4.94 0.22
CA LYS A 120 -11.03 -3.79 0.64
C LYS A 120 -10.16 -2.54 0.83
N ALA A 121 -10.77 -1.40 0.66
CA ALA A 121 -10.11 -0.14 0.98
C ALA A 121 -11.15 0.88 1.37
N TYR A 122 -10.69 1.96 1.99
CA TYR A 122 -11.51 3.14 2.18
C TYR A 122 -10.66 4.37 1.87
N VAL A 123 -11.33 5.38 1.31
CA VAL A 123 -10.66 6.61 0.92
C VAL A 123 -11.57 7.78 1.21
N PHE A 124 -10.96 8.93 1.51
CA PHE A 124 -11.70 10.16 1.63
C PHE A 124 -12.40 10.40 0.29
N LYS A 125 -13.63 10.89 0.38
CA LYS A 125 -14.48 11.12 -0.79
C LYS A 125 -13.89 12.11 -1.80
N SER A 126 -13.01 12.99 -1.35
CA SER A 126 -12.37 13.98 -2.22
C SER A 126 -11.18 13.39 -3.00
N ASN A 127 -10.83 12.12 -2.72
CA ASN A 127 -9.66 11.49 -3.34
C ASN A 127 -10.10 10.87 -4.68
N HIS A 128 -10.25 11.72 -5.68
CA HIS A 128 -10.84 11.31 -6.95
C HIS A 128 -9.88 10.47 -7.75
N LYS A 129 -8.61 10.81 -7.65
CA LYS A 129 -7.58 10.02 -8.31
C LYS A 129 -7.67 8.59 -7.85
N ALA A 130 -7.71 8.37 -6.54
CA ALA A 130 -7.75 7.02 -6.01
C ALA A 130 -9.05 6.32 -6.39
N LEU A 131 -10.17 7.01 -6.25
CA LEU A 131 -11.46 6.41 -6.62
C LEU A 131 -11.51 5.94 -8.07
N LYS A 132 -11.11 6.80 -8.98
CA LYS A 132 -11.09 6.47 -10.40
C LYS A 132 -10.21 5.22 -10.65
N LEU A 133 -9.07 5.16 -9.97
CA LEU A 133 -8.14 4.06 -10.14
C LEU A 133 -8.78 2.76 -9.68
N TYR A 134 -9.45 2.82 -8.52
CA TYR A 134 -10.14 1.64 -7.96
C TYR A 134 -11.28 1.19 -8.86
N GLN A 135 -12.07 2.14 -9.35
CA GLN A 135 -13.18 1.84 -10.26
C GLN A 135 -12.64 1.21 -11.54
N GLN A 136 -11.52 1.71 -12.04
CA GLN A 136 -10.92 1.15 -13.24
C GLN A 136 -10.45 -0.30 -13.06
N ASN A 137 -10.18 -0.68 -11.82
CA ASN A 137 -9.76 -2.05 -11.51
C ASN A 137 -10.92 -2.90 -10.90
N HIS A 138 -12.13 -2.49 -11.23
CA HIS A 138 -13.42 -3.19 -10.94
C HIS A 138 -13.85 -3.22 -9.49
N PHE A 139 -13.28 -2.30 -8.69
CA PHE A 139 -13.77 -2.09 -7.34
C PHE A 139 -15.18 -1.50 -7.36
N THR A 140 -15.94 -1.83 -6.33
CA THR A 140 -17.28 -1.32 -6.21
C THR A 140 -17.44 -0.70 -4.81
N ILE A 141 -18.09 0.47 -4.76
CA ILE A 141 -18.39 1.15 -3.50
C ILE A 141 -19.51 0.39 -2.80
N TYR A 142 -19.23 -0.15 -1.61
CA TYR A 142 -20.25 -0.89 -0.83
C TYR A 142 -20.75 -0.19 0.46
N ASP A 143 -20.11 0.92 0.83
CA ASP A 143 -20.51 1.69 2.01
C ASP A 143 -19.87 3.07 1.93
N GLU A 144 -20.34 3.94 2.79
CA GLU A 144 -20.00 5.35 2.80
C GLU A 144 -20.40 5.88 4.17
N ASP A 145 -19.54 6.66 4.79
CA ASP A 145 -19.91 7.42 5.98
C ASP A 145 -19.58 8.90 5.75
N LYS A 146 -19.43 9.69 6.81
CA LYS A 146 -19.23 11.14 6.71
C LYS A 146 -17.93 11.49 5.98
N ASP A 147 -16.91 10.65 6.15
CA ASP A 147 -15.59 10.93 5.59
C ASP A 147 -15.22 10.07 4.37
N PHE A 148 -15.65 8.81 4.37
CA PHE A 148 -15.06 7.81 3.48
C PHE A 148 -16.05 7.14 2.52
N TYR A 149 -15.55 6.72 1.37
CA TYR A 149 -16.17 5.66 0.60
C TYR A 149 -15.41 4.40 0.92
N TYR A 150 -16.13 3.29 0.97
CA TYR A 150 -15.55 1.96 1.25
C TYR A 150 -15.72 1.14 -0.01
N VAL A 151 -14.63 0.54 -0.51
CA VAL A 151 -14.69 -0.24 -1.76
C VAL A 151 -14.19 -1.66 -1.57
N TYR A 152 -14.65 -2.54 -2.42
CA TYR A 152 -14.20 -3.91 -2.40
C TYR A 152 -14.07 -4.51 -3.80
N LEU A 153 -13.23 -5.54 -3.87
CA LEU A 153 -13.06 -6.39 -5.03
C LEU A 153 -12.96 -7.83 -4.54
N LYS A 154 -13.78 -8.72 -5.09
CA LYS A 154 -13.76 -10.16 -4.76
C LYS A 154 -13.23 -10.97 -5.93
N GLN A 155 -12.43 -11.99 -5.61
CA GLN A 155 -11.83 -12.86 -6.61
C GLN A 155 -12.88 -13.78 -7.22
N SER A 156 -13.79 -14.28 -6.39
CA SER A 156 -14.86 -15.17 -6.87
C SER A 156 -16.09 -15.05 -5.99
#